data_9NTC
#
_entry.id   9NTC
#
_cell.length_a   1.00
_cell.length_b   1.00
_cell.length_c   1.00
_cell.angle_alpha   90.00
_cell.angle_beta   90.00
_cell.angle_gamma   90.00
#
_symmetry.space_group_name_H-M   'P 1'
#
loop_
_entity.id
_entity.type
_entity.pdbx_description
1 polymer 'Synaptic vesicle glycoprotein 2A'
2 non-polymer (3R)-4-(3,5-dimethylphenyl)-N-(2-methoxyphenyl)-3-methylbutanamide
3 non-polymer (2S)-2-[(4R)-2-oxidanylidene-4-propyl-pyrrolidin-1-yl]butanamide
4 non-polymer CHOLESTEROL
5 non-polymer (3S)-4-(3,5-dimethylphenyl)-N-(2-methoxyphenyl)-3-methylbutanamide
#
_entity_poly.entity_id   1
_entity_poly.type   'polypeptide(L)'
_entity_poly.pdbx_seq_one_letter_code
;MGYYRGEGTQDEEEGGASSDATEGHDEDDEIYEGEYQGIPRAESGGKGERMADGAPLAGVRGGLSDGEGPPGGRGEAQRR
KEREELAQQYEAILRECGHGRFQWTLYFVLGLALMADGVEVFVVGFVLPSAEKDMCLSDSNKGMLGLIVYLGMMVGAFLW
GGLADRLGRRQCLLISLSVNSVFAFFSSFVQGYGTFLFCRLLSGVGIGGSIPIVFSYFSEFLAQEKRGEHLSWLCMFWMI
GGVYAAAMAWAIIPHYGWSFQMGSAYQFHSWRVFVLVCAFPSVFAIGALTTQPESPRFFLENGKHDEAWMVLKQVHDTNM
RAKGHPERVFSVTHIKTIHQEDELIEIQSDTGTWYQRWGVRALSLGGQVWGNFLSCFGPEYRRITLMMMGVWFTMSFSYY
GLTVWFPDMIRHLQAVDYASRTKVFPGERVEHVTFNFTLENQIHRGGQYFNDKFIGLRLKSVSFEDSLFEECYFEDVTSS
NTFFRNCTFINTVFYNTDLFEYKFVNSRLINSTFLHNKEGCPLDVTGTGEGAYMVYFVSFLGTLAVLPGNIVSALLMDKI
GRLRMLAGSSVMSCVSCFFLSFGNSESAMIALLCLFGGVSIASWNALDVLTVELYPSDKRTTAFGFLNALCKLAAVLGIS
IFTSFVGITKAAPILFASAALALGSSLALKLPETRGQVLQLEVLFQ
;
_entity_poly.pdbx_strand_id   A
#
# COMPACT_ATOMS: atom_id res chain seq x y z
N ARG A 80 22.72 -22.86 -0.75
CA ARG A 80 23.61 -22.92 0.39
C ARG A 80 24.66 -21.82 0.30
N LYS A 81 25.87 -22.19 -0.14
CA LYS A 81 26.92 -21.20 -0.30
C LYS A 81 26.68 -20.33 -1.52
N GLU A 82 26.06 -20.89 -2.56
CA GLU A 82 25.79 -20.13 -3.77
C GLU A 82 24.89 -18.94 -3.48
N ARG A 83 23.85 -19.13 -2.68
CA ARG A 83 22.92 -18.04 -2.40
C ARG A 83 23.60 -16.91 -1.64
N GLU A 84 24.38 -17.26 -0.61
CA GLU A 84 25.09 -16.22 0.15
C GLU A 84 26.10 -15.50 -0.71
N GLU A 85 26.84 -16.24 -1.53
CA GLU A 85 27.79 -15.61 -2.43
C GLU A 85 27.09 -14.67 -3.39
N LEU A 86 25.95 -15.08 -3.95
CA LEU A 86 25.21 -14.23 -4.86
C LEU A 86 24.71 -12.98 -4.16
N ALA A 87 24.19 -13.12 -2.95
CA ALA A 87 23.68 -11.95 -2.24
C ALA A 87 24.79 -10.97 -1.90
N GLN A 88 25.93 -11.47 -1.40
CA GLN A 88 27.05 -10.59 -1.11
C GLN A 88 27.57 -9.92 -2.38
N GLN A 89 27.71 -10.66 -3.48
CA GLN A 89 28.25 -10.07 -4.70
C GLN A 89 27.28 -9.07 -5.30
N TYR A 90 25.98 -9.34 -5.23
CA TYR A 90 25.00 -8.39 -5.75
C TYR A 90 24.95 -7.14 -4.89
N GLU A 91 25.06 -7.27 -3.57
CA GLU A 91 25.14 -6.08 -2.74
C GLU A 91 26.39 -5.27 -3.03
N ALA A 92 27.53 -5.95 -3.22
CA ALA A 92 28.76 -5.23 -3.53
C ALA A 92 28.64 -4.49 -4.86
N ILE A 93 28.07 -5.14 -5.88
CA ILE A 93 27.94 -4.49 -7.18
C ILE A 93 26.93 -3.36 -7.11
N LEU A 94 25.84 -3.55 -6.37
CA LEU A 94 24.84 -2.51 -6.22
C LEU A 94 25.41 -1.30 -5.50
N ARG A 95 26.22 -1.52 -4.48
CA ARG A 95 26.91 -0.43 -3.80
C ARG A 95 27.94 0.23 -4.71
N GLU A 96 28.53 -0.51 -5.65
CA GLU A 96 29.40 0.11 -6.63
C GLU A 96 28.63 0.99 -7.62
N CYS A 97 27.45 0.55 -8.04
CA CYS A 97 26.69 1.30 -9.04
C CYS A 97 26.39 2.72 -8.60
N GLY A 98 26.29 2.98 -7.32
CA GLY A 98 26.00 4.32 -6.83
C GLY A 98 24.51 4.54 -6.67
N HIS A 99 24.19 5.65 -6.01
CA HIS A 99 22.82 6.02 -5.73
C HIS A 99 22.62 7.50 -6.04
N GLY A 100 21.43 7.84 -6.52
CA GLY A 100 21.04 9.24 -6.59
C GLY A 100 20.25 9.67 -7.80
N ARG A 101 20.39 9.00 -8.93
CA ARG A 101 19.73 9.49 -10.13
C ARG A 101 18.78 8.46 -10.71
N PHE A 102 19.28 7.27 -10.98
CA PHE A 102 18.40 6.21 -11.47
C PHE A 102 17.39 5.84 -10.41
N GLN A 103 17.85 5.72 -9.16
CA GLN A 103 16.96 5.35 -8.08
C GLN A 103 15.93 6.44 -7.83
N TRP A 104 16.34 7.70 -7.89
CA TRP A 104 15.41 8.79 -7.66
C TRP A 104 14.48 9.02 -8.84
N THR A 105 14.76 8.44 -10.01
CA THR A 105 13.79 8.46 -11.10
C THR A 105 12.80 7.31 -10.98
N LEU A 106 13.32 6.10 -10.76
CA LEU A 106 12.44 4.96 -10.55
C LEU A 106 11.55 5.19 -9.34
N TYR A 107 12.00 6.00 -8.39
CA TYR A 107 11.19 6.31 -7.22
C TYR A 107 9.88 6.96 -7.63
N PHE A 108 9.95 7.97 -8.51
CA PHE A 108 8.73 8.58 -9.02
C PHE A 108 7.95 7.62 -9.90
N VAL A 109 8.66 6.87 -10.74
CA VAL A 109 7.98 5.96 -11.65
C VAL A 109 7.12 4.97 -10.88
N LEU A 110 7.58 4.57 -9.69
CA LEU A 110 6.83 3.61 -8.89
C LEU A 110 5.90 4.30 -7.91
N GLY A 111 6.21 5.53 -7.53
CA GLY A 111 5.27 6.31 -6.74
C GLY A 111 3.99 6.55 -7.49
N LEU A 112 4.05 6.64 -8.82
CA LEU A 112 2.82 6.73 -9.59
C LEU A 112 1.94 5.50 -9.39
N ALA A 113 2.54 4.31 -9.39
CA ALA A 113 1.78 3.09 -9.14
C ALA A 113 1.21 3.07 -7.73
N LEU A 114 2.00 3.47 -6.74
CA LEU A 114 1.47 3.52 -5.38
C LEU A 114 0.36 4.54 -5.24
N MET A 115 0.49 5.67 -5.94
CA MET A 115 -0.57 6.67 -5.93
C MET A 115 -1.85 6.12 -6.55
N ALA A 116 -1.72 5.34 -7.61
CA ALA A 116 -2.88 4.64 -8.15
C ALA A 116 -3.49 3.70 -7.12
N ASP A 117 -2.65 3.02 -6.34
CA ASP A 117 -3.16 2.13 -5.31
C ASP A 117 -3.99 2.92 -4.28
N GLY A 118 -3.44 4.04 -3.82
CA GLY A 118 -4.18 4.87 -2.88
C GLY A 118 -5.47 5.41 -3.47
N VAL A 119 -5.45 5.74 -4.76
CA VAL A 119 -6.65 6.24 -5.42
C VAL A 119 -7.73 5.18 -5.42
N GLU A 120 -7.38 3.96 -5.79
CA GLU A 120 -8.36 2.89 -5.81
C GLU A 120 -8.88 2.60 -4.41
N VAL A 121 -7.99 2.61 -3.43
CA VAL A 121 -8.40 2.35 -2.04
C VAL A 121 -9.39 3.41 -1.57
N PHE A 122 -9.10 4.69 -1.87
CA PHE A 122 -10.05 5.74 -1.50
C PHE A 122 -11.37 5.54 -2.20
N VAL A 123 -11.35 5.30 -3.51
CA VAL A 123 -12.61 5.16 -4.24
C VAL A 123 -13.41 3.98 -3.71
N VAL A 124 -12.72 2.94 -3.23
CA VAL A 124 -13.41 1.76 -2.70
C VAL A 124 -14.03 2.07 -1.33
N GLY A 125 -13.29 2.77 -0.48
CA GLY A 125 -13.72 2.95 0.89
C GLY A 125 -14.66 4.11 1.13
N PHE A 126 -14.48 5.21 0.39
CA PHE A 126 -15.22 6.44 0.63
C PHE A 126 -16.03 6.91 -0.56
N VAL A 127 -16.08 6.15 -1.66
CA VAL A 127 -16.84 6.58 -2.82
C VAL A 127 -17.76 5.49 -3.34
N LEU A 128 -17.50 4.23 -2.98
CA LEU A 128 -18.40 3.18 -3.43
C LEU A 128 -19.65 3.13 -2.56
N PRO A 129 -19.55 3.37 -1.25
CA PRO A 129 -20.78 3.59 -0.47
C PRO A 129 -21.64 4.70 -1.02
N SER A 130 -21.04 5.67 -1.69
CA SER A 130 -21.78 6.76 -2.32
C SER A 130 -22.56 6.30 -3.55
N ALA A 131 -22.52 5.00 -3.83
CA ALA A 131 -23.24 4.45 -4.96
C ALA A 131 -23.96 3.15 -4.58
N GLY A 143 -25.17 -1.67 1.22
CA GLY A 143 -24.88 -2.75 2.12
C GLY A 143 -23.44 -3.23 2.02
N MET A 144 -22.51 -2.27 2.05
CA MET A 144 -21.08 -2.58 1.95
C MET A 144 -20.79 -3.44 0.73
N LEU A 145 -21.37 -3.07 -0.41
CA LEU A 145 -21.05 -3.74 -1.65
C LEU A 145 -19.72 -3.28 -2.22
N GLY A 146 -19.17 -2.18 -1.71
CA GLY A 146 -17.87 -1.74 -2.17
C GLY A 146 -16.72 -2.49 -1.54
N LEU A 147 -17.01 -3.31 -0.53
CA LEU A 147 -15.98 -4.12 0.09
C LEU A 147 -15.75 -5.42 -0.65
N ILE A 148 -16.42 -5.64 -1.78
CA ILE A 148 -16.08 -6.74 -2.67
C ILE A 148 -14.80 -6.41 -3.43
N VAL A 149 -14.53 -5.12 -3.63
CA VAL A 149 -13.32 -4.71 -4.33
C VAL A 149 -12.09 -5.06 -3.50
N TYR A 150 -12.23 -5.08 -2.17
CA TYR A 150 -11.10 -5.49 -1.33
C TYR A 150 -10.83 -6.98 -1.41
N LEU A 151 -11.86 -7.81 -1.54
CA LEU A 151 -11.62 -9.22 -1.85
C LEU A 151 -10.95 -9.36 -3.21
N GLY A 152 -11.37 -8.56 -4.18
CA GLY A 152 -10.65 -8.52 -5.44
C GLY A 152 -9.20 -8.16 -5.25
N MET A 153 -8.92 -7.18 -4.40
CA MET A 153 -7.55 -6.73 -4.19
C MET A 153 -6.73 -7.80 -3.49
N MET A 154 -7.34 -8.56 -2.58
CA MET A 154 -6.60 -9.62 -1.93
C MET A 154 -6.25 -10.73 -2.91
N VAL A 155 -7.21 -11.09 -3.76
CA VAL A 155 -6.93 -12.09 -4.80
C VAL A 155 -5.82 -11.58 -5.72
N GLY A 156 -5.91 -10.31 -6.13
CA GLY A 156 -4.92 -9.76 -7.03
C GLY A 156 -3.55 -9.61 -6.39
N ALA A 157 -3.50 -9.24 -5.12
CA ALA A 157 -2.23 -9.18 -4.42
C ALA A 157 -1.57 -10.55 -4.37
N PHE A 158 -2.30 -11.57 -3.93
CA PHE A 158 -1.69 -12.90 -3.92
C PHE A 158 -1.27 -13.32 -5.32
N LEU A 159 -2.13 -13.15 -6.31
CA LEU A 159 -1.85 -13.62 -7.67
C LEU A 159 -0.62 -12.93 -8.24
N TRP A 160 -0.67 -11.59 -8.33
CA TRP A 160 0.43 -10.86 -8.95
C TRP A 160 1.70 -10.96 -8.14
N GLY A 161 1.62 -10.99 -6.80
CA GLY A 161 2.82 -11.20 -6.02
C GLY A 161 3.47 -12.54 -6.33
N GLY A 162 2.67 -13.60 -6.38
CA GLY A 162 3.23 -14.90 -6.67
C GLY A 162 3.82 -14.98 -8.07
N LEU A 163 3.16 -14.35 -9.03
CA LEU A 163 3.65 -14.37 -10.41
C LEU A 163 4.91 -13.53 -10.58
N ALA A 164 4.99 -12.39 -9.90
CA ALA A 164 6.10 -11.47 -10.10
C ALA A 164 7.45 -12.10 -9.78
N ASP A 165 7.47 -13.16 -8.97
CA ASP A 165 8.72 -13.84 -8.67
C ASP A 165 9.10 -14.87 -9.72
N ARG A 166 8.28 -15.06 -10.73
CA ARG A 166 8.56 -15.96 -11.84
C ARG A 166 8.59 -15.27 -13.19
N LEU A 167 7.74 -14.25 -13.38
CA LEU A 167 7.62 -13.55 -14.65
C LEU A 167 8.41 -12.26 -14.69
N GLY A 168 8.68 -11.65 -13.56
CA GLY A 168 9.44 -10.42 -13.49
C GLY A 168 8.71 -9.40 -12.65
N ARG A 169 9.47 -8.53 -11.99
CA ARG A 169 8.86 -7.49 -11.17
C ARG A 169 8.27 -6.40 -12.05
N ARG A 170 9.01 -5.99 -13.08
CA ARG A 170 8.55 -4.94 -13.97
C ARG A 170 7.47 -5.44 -14.91
N GLN A 171 7.62 -6.65 -15.44
CA GLN A 171 6.60 -7.18 -16.35
C GLN A 171 5.27 -7.38 -15.64
N CYS A 172 5.31 -7.93 -14.43
CA CYS A 172 4.05 -8.15 -13.72
C CYS A 172 3.48 -6.87 -13.15
N LEU A 173 4.33 -5.88 -12.79
CA LEU A 173 3.77 -4.59 -12.44
C LEU A 173 3.08 -3.95 -13.64
N LEU A 174 3.67 -4.10 -14.83
CA LEU A 174 3.02 -3.62 -16.04
C LEU A 174 1.67 -4.30 -16.24
N ILE A 175 1.63 -5.63 -16.11
CA ILE A 175 0.38 -6.36 -16.34
C ILE A 175 -0.68 -5.93 -15.34
N SER A 176 -0.32 -5.85 -14.05
CA SER A 176 -1.29 -5.50 -13.03
C SER A 176 -1.83 -4.10 -13.25
N LEU A 177 -0.94 -3.13 -13.46
CA LEU A 177 -1.39 -1.77 -13.70
C LEU A 177 -2.24 -1.68 -14.96
N SER A 178 -1.87 -2.41 -16.01
CA SER A 178 -2.64 -2.39 -17.25
C SER A 178 -4.06 -2.89 -17.01
N VAL A 179 -4.19 -4.01 -16.31
CA VAL A 179 -5.51 -4.54 -16.00
C VAL A 179 -6.32 -3.52 -15.21
N ASN A 180 -5.72 -2.98 -14.16
CA ASN A 180 -6.42 -1.99 -13.34
C ASN A 180 -6.87 -0.82 -14.19
N SER A 181 -5.99 -0.30 -15.03
CA SER A 181 -6.33 0.88 -15.83
C SER A 181 -7.43 0.57 -16.83
N VAL A 182 -7.36 -0.59 -17.48
CA VAL A 182 -8.36 -0.92 -18.49
C VAL A 182 -9.72 -1.06 -17.85
N PHE A 183 -9.80 -1.66 -16.66
CA PHE A 183 -11.11 -1.86 -16.07
C PHE A 183 -11.62 -0.62 -15.34
N ALA A 184 -10.73 0.20 -14.80
CA ALA A 184 -11.15 1.51 -14.31
C ALA A 184 -11.68 2.37 -15.45
N PHE A 185 -11.08 2.26 -16.63
CA PHE A 185 -11.62 2.91 -17.81
C PHE A 185 -12.99 2.36 -18.16
N PHE A 186 -13.13 1.03 -18.21
CA PHE A 186 -14.40 0.41 -18.57
C PHE A 186 -15.51 0.90 -17.66
N SER A 187 -15.30 0.81 -16.35
CA SER A 187 -16.36 1.08 -15.39
C SER A 187 -17.04 2.43 -15.62
N SER A 188 -16.46 3.31 -16.41
CA SER A 188 -17.10 4.59 -16.70
C SER A 188 -18.03 4.52 -17.88
N PHE A 189 -17.92 3.50 -18.73
CA PHE A 189 -18.75 3.36 -19.91
C PHE A 189 -19.83 2.32 -19.74
N VAL A 190 -20.13 1.96 -18.50
CA VAL A 190 -20.99 0.82 -18.19
C VAL A 190 -22.30 1.35 -17.64
N GLN A 191 -23.40 0.69 -18.00
CA GLN A 191 -24.74 1.22 -17.83
C GLN A 191 -25.47 0.61 -16.64
N GLY A 192 -24.78 0.37 -15.54
CA GLY A 192 -25.42 -0.22 -14.38
C GLY A 192 -24.52 -0.14 -13.18
N TYR A 193 -25.02 -0.66 -12.06
CA TYR A 193 -24.17 -0.85 -10.90
C TYR A 193 -23.81 -2.31 -10.72
N GLY A 194 -24.64 -3.22 -11.22
CA GLY A 194 -24.32 -4.66 -11.19
C GLY A 194 -23.19 -4.95 -12.16
N THR A 195 -22.96 -4.04 -13.13
CA THR A 195 -21.88 -4.19 -14.14
C THR A 195 -20.73 -3.25 -13.79
N PHE A 196 -20.99 -2.10 -13.15
CA PHE A 196 -19.96 -1.19 -12.69
C PHE A 196 -19.18 -1.79 -11.55
N LEU A 197 -19.87 -2.46 -10.63
CA LEU A 197 -19.19 -3.11 -9.51
C LEU A 197 -18.31 -4.27 -9.98
N PHE A 198 -18.70 -5.00 -11.02
CA PHE A 198 -17.86 -6.08 -11.52
C PHE A 198 -16.62 -5.55 -12.24
N CYS A 199 -16.82 -4.59 -13.15
CA CYS A 199 -15.70 -4.02 -13.87
C CYS A 199 -14.80 -3.19 -12.96
N ARG A 200 -15.27 -2.85 -11.77
CA ARG A 200 -14.42 -2.21 -10.77
C ARG A 200 -13.79 -3.20 -9.82
N LEU A 201 -14.44 -4.34 -9.59
CA LEU A 201 -13.81 -5.44 -8.86
C LEU A 201 -12.59 -5.94 -9.62
N LEU A 202 -12.68 -6.02 -10.95
CA LEU A 202 -11.54 -6.50 -11.71
C LEU A 202 -10.39 -5.49 -11.69
N SER A 203 -10.70 -4.19 -11.67
CA SER A 203 -9.63 -3.21 -11.53
C SER A 203 -9.04 -3.24 -10.12
N GLY A 204 -9.86 -3.57 -9.12
CA GLY A 204 -9.32 -3.80 -7.79
C GLY A 204 -8.37 -4.98 -7.76
N VAL A 205 -8.74 -6.05 -8.46
CA VAL A 205 -7.83 -7.19 -8.62
C VAL A 205 -6.53 -6.71 -9.25
N GLY A 206 -6.63 -5.93 -10.31
CA GLY A 206 -5.45 -5.35 -10.92
C GLY A 206 -4.56 -4.67 -9.89
N ILE A 207 -5.07 -3.61 -9.26
CA ILE A 207 -4.24 -2.84 -8.33
C ILE A 207 -3.88 -3.62 -7.08
N GLY A 208 -4.42 -4.82 -6.89
CA GLY A 208 -4.05 -5.57 -5.70
C GLY A 208 -2.55 -5.77 -5.59
N GLY A 209 -1.93 -6.17 -6.69
CA GLY A 209 -0.51 -6.48 -6.72
C GLY A 209 0.39 -5.31 -6.99
N SER A 210 0.03 -4.11 -6.56
CA SER A 210 0.86 -2.93 -6.80
C SER A 210 1.89 -2.75 -5.69
N ILE A 211 1.44 -2.77 -4.44
CA ILE A 211 2.35 -2.55 -3.32
C ILE A 211 3.39 -3.66 -3.21
N PRO A 212 3.01 -4.95 -3.21
CA PRO A 212 4.06 -5.99 -3.16
C PRO A 212 5.10 -5.84 -4.24
N ILE A 213 4.66 -5.69 -5.50
CA ILE A 213 5.61 -5.62 -6.60
C ILE A 213 6.41 -4.33 -6.57
N VAL A 214 5.80 -3.22 -6.19
CA VAL A 214 6.55 -1.96 -6.16
C VAL A 214 7.64 -2.02 -5.11
N PHE A 215 7.32 -2.54 -3.92
CA PHE A 215 8.32 -2.59 -2.86
C PHE A 215 9.39 -3.62 -3.15
N SER A 216 9.02 -4.74 -3.78
CA SER A 216 10.00 -5.76 -4.13
C SER A 216 10.82 -5.36 -5.35
N TYR A 217 10.28 -4.44 -6.17
CA TYR A 217 10.95 -4.02 -7.39
C TYR A 217 11.92 -2.88 -7.13
N PHE A 218 11.50 -1.89 -6.35
CA PHE A 218 12.39 -0.81 -5.99
C PHE A 218 13.55 -1.32 -5.16
N SER A 219 13.30 -2.30 -4.31
CA SER A 219 14.32 -2.83 -3.41
C SER A 219 15.46 -3.53 -4.13
N GLU A 220 15.25 -4.01 -5.35
CA GLU A 220 16.33 -4.68 -6.07
C GLU A 220 17.38 -3.70 -6.56
N PHE A 221 17.13 -2.40 -6.46
CA PHE A 221 18.05 -1.39 -6.95
C PHE A 221 18.73 -0.61 -5.83
N LEU A 222 18.30 -0.80 -4.58
CA LEU A 222 18.78 0.00 -3.46
C LEU A 222 19.79 -0.82 -2.66
N ALA A 223 20.89 -0.18 -2.28
CA ALA A 223 21.91 -0.84 -1.48
C ALA A 223 21.48 -0.88 -0.02
N GLN A 224 22.26 -1.58 0.80
CA GLN A 224 21.84 -1.86 2.17
C GLN A 224 21.71 -0.59 3.00
N GLU A 225 22.67 0.31 2.90
CA GLU A 225 22.70 1.47 3.78
C GLU A 225 21.73 2.56 3.36
N LYS A 226 21.06 2.41 2.22
CA LYS A 226 20.05 3.35 1.76
C LYS A 226 18.68 2.71 1.60
N ARG A 227 18.57 1.39 1.80
CA ARG A 227 17.35 0.69 1.45
C ARG A 227 16.17 1.14 2.30
N GLY A 228 16.35 1.19 3.63
CA GLY A 228 15.25 1.59 4.48
C GLY A 228 14.85 3.04 4.26
N GLU A 229 15.84 3.94 4.21
CA GLU A 229 15.52 5.35 4.07
C GLU A 229 14.80 5.62 2.76
N HIS A 230 15.18 4.92 1.69
CA HIS A 230 14.58 5.20 0.41
C HIS A 230 13.31 4.40 0.17
N LEU A 231 13.11 3.29 0.88
CA LEU A 231 11.82 2.60 0.83
C LEU A 231 10.79 3.31 1.69
N SER A 232 11.21 4.15 2.62
CA SER A 232 10.26 4.87 3.45
C SER A 232 9.58 6.03 2.72
N TRP A 233 10.24 6.64 1.73
CA TRP A 233 9.63 7.75 1.01
C TRP A 233 8.51 7.31 0.09
N LEU A 234 8.47 6.02 -0.27
CA LEU A 234 7.43 5.54 -1.17
C LEU A 234 6.05 5.66 -0.54
N CYS A 235 5.96 5.42 0.77
CA CYS A 235 4.66 5.35 1.43
C CYS A 235 3.93 6.69 1.43
N MET A 236 4.62 7.78 1.07
CA MET A 236 3.94 9.06 0.95
C MET A 236 3.11 9.15 -0.33
N PHE A 237 3.55 8.48 -1.39
CA PHE A 237 2.79 8.52 -2.63
C PHE A 237 1.42 7.89 -2.47
N TRP A 238 1.28 6.95 -1.54
CA TRP A 238 -0.04 6.43 -1.23
C TRP A 238 -0.97 7.54 -0.75
N MET A 239 -0.51 8.33 0.21
CA MET A 239 -1.34 9.42 0.72
C MET A 239 -1.60 10.45 -0.37
N ILE A 240 -0.60 10.71 -1.22
CA ILE A 240 -0.80 11.67 -2.31
C ILE A 240 -1.90 11.19 -3.25
N GLY A 241 -1.91 9.89 -3.54
CA GLY A 241 -2.97 9.36 -4.38
C GLY A 241 -4.33 9.46 -3.72
N GLY A 242 -4.38 9.22 -2.42
CA GLY A 242 -5.64 9.38 -1.69
C GLY A 242 -6.16 10.80 -1.71
N VAL A 243 -5.28 11.77 -1.51
CA VAL A 243 -5.70 13.17 -1.57
C VAL A 243 -6.13 13.54 -2.97
N TYR A 244 -5.42 13.03 -3.99
CA TYR A 244 -5.86 13.22 -5.37
C TYR A 244 -7.29 12.74 -5.55
N ALA A 245 -7.57 11.52 -5.13
CA ALA A 245 -8.91 10.96 -5.27
C ALA A 245 -9.94 11.79 -4.54
N ALA A 246 -9.60 12.23 -3.32
CA ALA A 246 -10.54 13.01 -2.53
C ALA A 246 -10.85 14.34 -3.20
N ALA A 247 -9.83 15.01 -3.75
CA ALA A 247 -10.06 16.27 -4.45
C ALA A 247 -10.90 16.06 -5.69
N MET A 248 -10.64 14.99 -6.44
CA MET A 248 -11.45 14.73 -7.62
C MET A 248 -12.89 14.43 -7.25
N ALA A 249 -13.11 13.69 -6.16
CA ALA A 249 -14.47 13.44 -5.70
C ALA A 249 -15.16 14.74 -5.31
N TRP A 250 -14.53 15.53 -4.45
CA TRP A 250 -15.15 16.77 -4.00
C TRP A 250 -15.36 17.76 -5.14
N ALA A 251 -14.61 17.64 -6.24
CA ALA A 251 -14.73 18.60 -7.33
C ALA A 251 -15.73 18.14 -8.39
N ILE A 252 -15.69 16.87 -8.77
CA ILE A 252 -16.52 16.36 -9.85
C ILE A 252 -17.83 15.78 -9.33
N ILE A 253 -17.78 15.11 -8.19
CA ILE A 253 -18.97 14.40 -7.61
C ILE A 253 -19.11 14.76 -6.13
N PRO A 254 -19.14 16.05 -5.72
CA PRO A 254 -19.38 16.40 -4.33
C PRO A 254 -20.79 15.92 -3.96
N HIS A 255 -21.69 15.84 -4.93
CA HIS A 255 -23.09 15.40 -4.72
C HIS A 255 -23.13 13.89 -4.47
N TYR A 256 -24.18 13.38 -3.84
CA TYR A 256 -24.33 11.93 -3.52
C TYR A 256 -24.97 11.23 -4.72
N GLY A 257 -25.47 11.98 -5.71
CA GLY A 257 -26.08 11.41 -6.89
C GLY A 257 -25.08 10.61 -7.72
N TRP A 258 -25.27 9.29 -7.75
CA TRP A 258 -24.37 8.39 -8.47
C TRP A 258 -25.22 7.22 -8.96
N SER A 259 -25.71 7.34 -10.19
CA SER A 259 -26.61 6.35 -10.76
C SER A 259 -26.25 6.13 -12.23
N PHE A 260 -26.28 4.88 -12.66
CA PHE A 260 -25.93 4.49 -14.01
C PHE A 260 -27.15 3.90 -14.70
N GLN A 261 -27.42 4.34 -15.91
CA GLN A 261 -28.57 3.88 -16.67
C GLN A 261 -28.31 3.98 -18.17
N TYR A 266 -30.15 7.95 -19.25
CA TYR A 266 -29.25 9.05 -19.57
C TYR A 266 -27.86 8.53 -19.93
N GLN A 267 -26.90 9.44 -20.05
CA GLN A 267 -25.53 9.08 -20.36
C GLN A 267 -24.66 10.32 -20.23
N PHE A 268 -23.35 10.08 -20.10
CA PHE A 268 -22.38 11.17 -19.94
C PHE A 268 -22.59 11.91 -18.63
N HIS A 269 -22.62 11.15 -17.53
CA HIS A 269 -22.80 11.74 -16.22
C HIS A 269 -21.50 12.41 -15.77
N SER A 270 -21.47 12.85 -14.51
CA SER A 270 -20.25 13.42 -13.94
C SER A 270 -19.55 12.48 -12.99
N TRP A 271 -20.19 11.39 -12.57
CA TRP A 271 -19.43 10.35 -11.88
C TRP A 271 -18.60 9.55 -12.85
N ARG A 272 -19.04 9.46 -14.12
CA ARG A 272 -18.21 8.85 -15.16
C ARG A 272 -16.92 9.63 -15.36
N VAL A 273 -17.01 10.95 -15.38
CA VAL A 273 -15.81 11.75 -15.54
C VAL A 273 -14.86 11.52 -14.37
N PHE A 274 -15.40 11.48 -13.17
CA PHE A 274 -14.58 11.17 -12.00
C PHE A 274 -13.90 9.83 -12.16
N VAL A 275 -14.63 8.81 -12.57
CA VAL A 275 -14.05 7.47 -12.67
C VAL A 275 -12.92 7.47 -13.70
N LEU A 276 -13.13 8.13 -14.84
CA LEU A 276 -12.06 8.22 -15.82
C LEU A 276 -10.85 8.95 -15.25
N VAL A 277 -11.09 10.06 -14.54
CA VAL A 277 -10.01 10.89 -14.04
C VAL A 277 -9.22 10.17 -12.97
N CYS A 278 -9.87 9.27 -12.24
CA CYS A 278 -9.16 8.45 -11.25
C CYS A 278 -8.34 7.34 -11.89
N ALA A 279 -8.50 7.12 -13.20
CA ALA A 279 -7.60 6.20 -13.89
C ALA A 279 -6.28 6.85 -14.23
N PHE A 280 -6.25 8.19 -14.28
CA PHE A 280 -5.07 8.88 -14.79
C PHE A 280 -3.79 8.51 -14.06
N PRO A 281 -3.74 8.50 -12.73
CA PRO A 281 -2.50 8.05 -12.08
C PRO A 281 -2.06 6.68 -12.52
N SER A 282 -2.99 5.75 -12.76
CA SER A 282 -2.61 4.42 -13.23
C SER A 282 -2.07 4.46 -14.65
N VAL A 283 -2.69 5.27 -15.52
CA VAL A 283 -2.23 5.35 -16.90
C VAL A 283 -0.83 5.91 -16.95
N PHE A 284 -0.58 6.98 -16.19
CA PHE A 284 0.75 7.54 -16.12
C PHE A 284 1.73 6.57 -15.50
N ALA A 285 1.31 5.82 -14.47
CA ALA A 285 2.20 4.87 -13.85
C ALA A 285 2.67 3.83 -14.87
N ILE A 286 1.75 3.28 -15.65
CA ILE A 286 2.14 2.29 -16.64
C ILE A 286 2.98 2.92 -17.75
N GLY A 287 2.61 4.12 -18.20
CA GLY A 287 3.39 4.76 -19.24
C GLY A 287 4.81 5.06 -18.82
N ALA A 288 5.00 5.56 -17.60
CA ALA A 288 6.33 5.80 -17.07
C ALA A 288 7.09 4.50 -16.83
N LEU A 289 6.38 3.47 -16.32
CA LEU A 289 6.99 2.15 -15.95
C LEU A 289 7.53 1.40 -17.17
N THR A 290 7.04 1.69 -18.38
CA THR A 290 7.51 1.03 -19.63
C THR A 290 8.90 1.56 -19.98
N THR A 291 9.44 2.52 -19.22
CA THR A 291 10.76 3.13 -19.48
C THR A 291 11.78 2.70 -18.40
N GLN A 292 11.38 1.92 -17.39
CA GLN A 292 12.31 1.46 -16.38
C GLN A 292 12.71 0.01 -16.66
N PRO A 293 13.97 -0.38 -16.41
CA PRO A 293 14.39 -1.74 -16.72
C PRO A 293 14.00 -2.71 -15.62
N GLU A 294 13.73 -3.95 -16.02
CA GLU A 294 13.40 -4.98 -15.05
C GLU A 294 14.56 -5.17 -14.10
N SER A 295 14.26 -5.60 -12.88
CA SER A 295 15.26 -5.61 -11.83
C SER A 295 16.40 -6.54 -12.20
N PRO A 296 17.65 -6.19 -11.87
CA PRO A 296 18.76 -7.07 -12.22
C PRO A 296 18.83 -8.29 -11.34
N ARG A 297 18.38 -8.18 -10.10
CA ARG A 297 18.33 -9.33 -9.20
C ARG A 297 17.45 -10.42 -9.80
N PHE A 298 16.29 -10.06 -10.33
CA PHE A 298 15.42 -11.06 -10.93
C PHE A 298 16.08 -11.73 -12.13
N PHE A 299 16.73 -10.94 -12.99
CA PHE A 299 17.41 -11.52 -14.15
C PHE A 299 18.50 -12.48 -13.71
N LEU A 300 19.27 -12.10 -12.69
CA LEU A 300 20.31 -13.00 -12.19
C LEU A 300 19.70 -14.29 -11.65
N GLU A 301 18.61 -14.18 -10.89
CA GLU A 301 17.94 -15.37 -10.36
C GLU A 301 17.40 -16.24 -11.50
N ASN A 302 16.87 -15.61 -12.54
CA ASN A 302 16.28 -16.33 -13.66
C ASN A 302 17.31 -16.86 -14.65
N GLY A 303 18.59 -16.91 -14.27
CA GLY A 303 19.59 -17.41 -15.17
C GLY A 303 19.96 -16.45 -16.28
N LYS A 304 19.49 -15.22 -16.21
CA LYS A 304 19.78 -14.21 -17.23
C LYS A 304 20.84 -13.25 -16.69
N HIS A 305 22.10 -13.67 -16.84
CA HIS A 305 23.20 -12.86 -16.35
C HIS A 305 23.49 -11.68 -17.26
N ASP A 306 23.31 -11.86 -18.58
CA ASP A 306 23.52 -10.76 -19.51
C ASP A 306 22.41 -9.72 -19.40
N GLU A 307 21.17 -10.17 -19.35
CA GLU A 307 20.04 -9.25 -19.24
C GLU A 307 19.94 -8.66 -17.85
N ALA A 308 20.80 -9.08 -16.91
CA ALA A 308 20.96 -8.41 -15.64
C ALA A 308 22.13 -7.45 -15.68
N TRP A 309 23.21 -7.84 -16.34
CA TRP A 309 24.36 -6.96 -16.45
C TRP A 309 24.02 -5.70 -17.22
N MET A 310 23.14 -5.81 -18.22
CA MET A 310 22.71 -4.60 -18.94
C MET A 310 21.94 -3.67 -18.02
N VAL A 311 21.06 -4.21 -17.18
CA VAL A 311 20.33 -3.38 -16.23
C VAL A 311 21.30 -2.70 -15.26
N LEU A 312 22.25 -3.47 -14.74
CA LEU A 312 23.19 -2.92 -13.76
C LEU A 312 24.06 -1.85 -14.39
N LYS A 313 24.52 -2.08 -15.62
CA LYS A 313 25.33 -1.07 -16.29
C LYS A 313 24.51 0.17 -16.61
N GLN A 314 23.22 0.01 -16.91
CA GLN A 314 22.36 1.17 -17.04
C GLN A 314 22.32 1.96 -15.74
N VAL A 315 22.15 1.28 -14.61
CA VAL A 315 22.10 1.98 -13.34
C VAL A 315 23.41 2.74 -13.11
N HIS A 316 24.53 2.07 -13.35
CA HIS A 316 25.82 2.71 -13.12
C HIS A 316 26.01 3.92 -14.03
N ASP A 317 25.73 3.76 -15.33
CA ASP A 317 25.94 4.83 -16.28
C ASP A 317 25.01 6.00 -16.00
N THR A 318 23.74 5.72 -15.70
CA THR A 318 22.81 6.77 -15.35
C THR A 318 23.31 7.55 -14.15
N ASN A 319 23.77 6.85 -13.12
CA ASN A 319 24.21 7.52 -11.91
C ASN A 319 25.47 8.34 -12.16
N MET A 320 26.41 7.81 -12.96
CA MET A 320 27.69 8.48 -13.12
C MET A 320 27.59 9.64 -14.09
N ARG A 321 27.06 9.41 -15.30
CA ARG A 321 26.95 10.50 -16.26
C ARG A 321 26.20 11.68 -15.67
N ALA A 322 25.23 11.42 -14.79
CA ALA A 322 24.52 12.48 -14.10
C ALA A 322 25.22 12.92 -12.83
N LYS A 323 26.23 12.18 -12.38
CA LYS A 323 27.11 12.67 -11.32
C LYS A 323 28.35 13.33 -11.89
N GLY A 324 28.73 12.99 -13.12
CA GLY A 324 29.93 13.51 -13.72
C GLY A 324 30.72 12.44 -14.44
N HIS A 325 31.21 12.75 -15.63
CA HIS A 325 31.96 11.79 -16.43
C HIS A 325 31.05 10.69 -16.95
N LEU A 363 -0.99 -23.98 -15.14
CA LEU A 363 0.29 -24.28 -15.75
C LEU A 363 1.25 -24.86 -14.72
N SER A 364 2.43 -25.27 -15.18
CA SER A 364 3.51 -25.55 -14.24
C SER A 364 4.00 -24.30 -13.54
N LEU A 365 3.66 -23.12 -14.07
CA LEU A 365 3.96 -21.87 -13.38
C LEU A 365 3.12 -21.70 -12.14
N GLY A 366 1.89 -22.21 -12.13
CA GLY A 366 1.14 -22.26 -10.88
C GLY A 366 1.80 -23.16 -9.86
N GLY A 367 2.35 -24.28 -10.30
CA GLY A 367 3.10 -25.14 -9.39
C GLY A 367 4.35 -24.47 -8.87
N GLN A 368 5.03 -23.69 -9.72
CA GLN A 368 6.20 -22.95 -9.26
C GLN A 368 5.80 -21.90 -8.23
N VAL A 369 4.69 -21.18 -8.46
CA VAL A 369 4.26 -20.20 -7.48
C VAL A 369 3.86 -20.90 -6.18
N TRP A 370 3.29 -22.09 -6.26
CA TRP A 370 2.97 -22.82 -5.04
C TRP A 370 4.21 -23.26 -4.30
N GLY A 371 5.24 -23.70 -5.01
CA GLY A 371 6.50 -23.98 -4.35
C GLY A 371 7.04 -22.75 -3.62
N ASN A 372 7.01 -21.61 -4.30
CA ASN A 372 7.45 -20.37 -3.68
C ASN A 372 6.66 -20.07 -2.42
N PHE A 373 5.35 -20.23 -2.47
CA PHE A 373 4.52 -19.89 -1.32
C PHE A 373 4.75 -20.87 -0.18
N LEU A 374 4.76 -22.17 -0.47
CA LEU A 374 4.97 -23.17 0.56
C LEU A 374 6.39 -23.18 1.08
N SER A 375 7.31 -22.44 0.47
CA SER A 375 8.59 -22.17 1.08
C SER A 375 8.53 -21.08 2.14
N CYS A 376 7.63 -20.12 2.00
CA CYS A 376 7.50 -19.08 3.02
C CYS A 376 7.12 -19.66 4.37
N PHE A 377 6.61 -20.89 4.40
CA PHE A 377 6.32 -21.60 5.63
C PHE A 377 7.19 -22.84 5.76
N GLY A 378 8.44 -22.75 5.33
CA GLY A 378 9.41 -23.79 5.60
C GLY A 378 10.02 -23.63 6.97
N PRO A 379 10.94 -24.52 7.30
CA PRO A 379 11.63 -24.39 8.59
C PRO A 379 12.36 -23.08 8.75
N GLU A 380 12.80 -22.45 7.66
CA GLU A 380 13.54 -21.20 7.76
C GLU A 380 12.65 -19.98 7.80
N TYR A 381 11.36 -20.12 7.49
CA TYR A 381 10.48 -18.97 7.38
C TYR A 381 9.11 -19.18 8.00
N ARG A 382 8.89 -20.28 8.70
CA ARG A 382 7.59 -20.49 9.34
C ARG A 382 7.39 -19.51 10.48
N ARG A 383 8.38 -19.39 11.37
CA ARG A 383 8.30 -18.45 12.47
C ARG A 383 8.18 -17.01 11.95
N ILE A 384 9.11 -16.65 11.06
CA ILE A 384 9.09 -15.30 10.48
C ILE A 384 7.77 -15.04 9.80
N THR A 385 7.31 -15.98 8.99
CA THR A 385 6.09 -15.76 8.22
C THR A 385 4.88 -15.63 9.13
N LEU A 386 4.77 -16.45 10.16
CA LEU A 386 3.59 -16.37 11.02
C LEU A 386 3.57 -15.06 11.80
N MET A 387 4.70 -14.69 12.41
CA MET A 387 4.72 -13.44 13.14
C MET A 387 4.49 -12.25 12.21
N MET A 388 5.06 -12.30 11.00
CA MET A 388 4.85 -11.24 10.03
C MET A 388 3.40 -11.15 9.63
N MET A 389 2.75 -12.29 9.43
CA MET A 389 1.33 -12.32 9.11
C MET A 389 0.53 -11.66 10.21
N GLY A 390 0.84 -11.97 11.46
CA GLY A 390 0.12 -11.36 12.56
C GLY A 390 0.28 -9.86 12.61
N VAL A 391 1.52 -9.38 12.48
CA VAL A 391 1.76 -7.94 12.54
C VAL A 391 1.04 -7.24 11.39
N TRP A 392 1.23 -7.73 10.18
CA TRP A 392 0.57 -7.15 9.00
C TRP A 392 -0.94 -7.09 9.20
N PHE A 393 -1.54 -8.24 9.55
CA PHE A 393 -2.99 -8.30 9.64
C PHE A 393 -3.51 -7.35 10.70
N THR A 394 -2.89 -7.33 11.89
CA THR A 394 -3.42 -6.48 12.95
C THR A 394 -3.24 -5.01 12.64
N MET A 395 -2.06 -4.60 12.15
CA MET A 395 -1.85 -3.21 11.80
C MET A 395 -2.85 -2.76 10.74
N SER A 396 -3.05 -3.58 9.70
CA SER A 396 -3.95 -3.18 8.62
C SER A 396 -5.40 -3.14 9.09
N PHE A 397 -5.82 -4.15 9.86
CA PHE A 397 -7.15 -4.12 10.46
C PHE A 397 -7.37 -2.81 11.17
N SER A 398 -6.51 -2.49 12.13
CA SER A 398 -6.68 -1.27 12.91
C SER A 398 -6.71 -0.04 12.00
N TYR A 399 -5.72 0.09 11.11
CA TYR A 399 -5.62 1.31 10.33
C TYR A 399 -6.83 1.51 9.44
N TYR A 400 -7.18 0.50 8.65
CA TYR A 400 -8.25 0.68 7.66
C TYR A 400 -9.60 0.85 8.34
N GLY A 401 -9.86 0.05 9.38
CA GLY A 401 -11.10 0.23 10.11
C GLY A 401 -11.21 1.62 10.70
N LEU A 402 -10.14 2.09 11.34
CA LEU A 402 -10.18 3.41 11.97
C LEU A 402 -10.38 4.51 10.96
N THR A 403 -9.66 4.45 9.84
CA THR A 403 -9.72 5.55 8.89
C THR A 403 -11.02 5.57 8.11
N VAL A 404 -11.66 4.42 7.89
CA VAL A 404 -12.96 4.46 7.24
C VAL A 404 -14.05 4.80 8.25
N TRP A 405 -13.85 4.46 9.53
CA TRP A 405 -14.84 4.78 10.54
C TRP A 405 -14.81 6.26 10.89
N PHE A 406 -13.63 6.86 10.92
CA PHE A 406 -13.48 8.20 11.46
C PHE A 406 -14.37 9.22 10.75
N PRO A 407 -14.42 9.29 9.42
CA PRO A 407 -15.44 10.16 8.80
C PRO A 407 -16.86 9.84 9.20
N ASP A 408 -17.19 8.56 9.41
CA ASP A 408 -18.52 8.23 9.92
C ASP A 408 -18.71 8.77 11.33
N MET A 409 -17.69 8.67 12.17
CA MET A 409 -17.77 9.24 13.51
C MET A 409 -18.02 10.74 13.42
N ILE A 410 -17.31 11.42 12.52
CA ILE A 410 -17.49 12.86 12.38
C ILE A 410 -18.91 13.19 11.93
N ARG A 411 -19.41 12.45 10.93
CA ARG A 411 -20.75 12.72 10.43
C ARG A 411 -21.78 12.48 11.51
N HIS A 412 -21.63 11.41 12.29
CA HIS A 412 -22.57 11.17 13.38
C HIS A 412 -22.47 12.27 14.42
N LEU A 413 -21.26 12.72 14.74
CA LEU A 413 -21.09 13.78 15.72
C LEU A 413 -21.80 15.05 15.27
N GLN A 414 -21.62 15.42 14.00
CA GLN A 414 -22.23 16.67 13.53
C GLN A 414 -23.73 16.51 13.34
N ALA A 415 -24.20 15.33 12.95
CA ALA A 415 -25.63 15.10 12.85
C ALA A 415 -26.29 15.20 14.22
N VAL A 416 -25.67 14.61 15.24
CA VAL A 416 -26.22 14.68 16.59
C VAL A 416 -26.12 16.09 17.13
N ASP A 417 -25.06 16.82 16.78
CA ASP A 417 -24.94 18.22 17.15
C ASP A 417 -26.08 19.03 16.56
N TYR A 418 -26.37 18.82 15.28
CA TYR A 418 -27.46 19.54 14.64
C TYR A 418 -28.80 19.17 15.27
N ALA A 419 -29.04 17.87 15.47
CA ALA A 419 -30.28 17.44 16.09
C ALA A 419 -30.45 18.10 17.44
N SER A 420 -29.37 18.18 18.22
CA SER A 420 -29.44 18.80 19.54
C SER A 420 -30.03 20.20 19.45
N ARG A 421 -29.54 21.01 18.51
CA ARG A 421 -30.10 22.32 18.27
C ARG A 421 -31.16 22.23 17.18
N GLY A 531 -19.49 18.16 2.90
CA GLY A 531 -19.74 16.73 2.77
C GLY A 531 -18.51 15.98 2.32
N ALA A 532 -18.39 15.75 1.02
CA ALA A 532 -17.17 15.18 0.47
C ALA A 532 -15.97 16.07 0.71
N TYR A 533 -16.21 17.36 0.94
CA TYR A 533 -15.11 18.26 1.26
C TYR A 533 -14.58 18.00 2.67
N MET A 534 -15.42 17.51 3.58
CA MET A 534 -14.88 17.14 4.89
C MET A 534 -13.91 15.98 4.77
N VAL A 535 -14.26 14.99 3.96
CA VAL A 535 -13.36 13.86 3.75
C VAL A 535 -12.10 14.33 3.05
N TYR A 536 -12.24 15.26 2.10
CA TYR A 536 -11.06 15.82 1.45
C TYR A 536 -10.19 16.58 2.43
N PHE A 537 -10.79 17.37 3.30
CA PHE A 537 -10.03 18.15 4.26
C PHE A 537 -9.27 17.24 5.21
N VAL A 538 -9.93 16.20 5.71
CA VAL A 538 -9.23 15.29 6.64
C VAL A 538 -8.19 14.46 5.88
N SER A 539 -8.44 14.13 4.61
CA SER A 539 -7.42 13.46 3.82
C SER A 539 -6.18 14.33 3.69
N PHE A 540 -6.37 15.61 3.38
CA PHE A 540 -5.25 16.53 3.27
C PHE A 540 -4.50 16.64 4.57
N LEU A 541 -5.23 16.81 5.68
CA LEU A 541 -4.57 17.00 6.96
C LEU A 541 -3.83 15.74 7.40
N GLY A 542 -4.40 14.57 7.15
CA GLY A 542 -3.67 13.35 7.42
C GLY A 542 -2.44 13.18 6.57
N THR A 543 -2.53 13.54 5.29
CA THR A 543 -1.36 13.47 4.41
C THR A 543 -0.26 14.41 4.88
N LEU A 544 -0.64 15.54 5.47
CA LEU A 544 0.35 16.43 6.06
C LEU A 544 0.85 15.92 7.41
N ALA A 545 0.02 15.19 8.15
CA ALA A 545 0.39 14.75 9.49
C ALA A 545 1.34 13.57 9.45
N VAL A 546 1.16 12.65 8.50
CA VAL A 546 2.10 11.55 8.37
C VAL A 546 3.42 12.04 7.83
N LEU A 547 3.49 13.29 7.40
CA LEU A 547 4.71 13.80 6.78
C LEU A 547 5.88 13.84 7.76
N PRO A 548 5.82 14.56 8.88
CA PRO A 548 6.97 14.56 9.78
C PRO A 548 7.31 13.18 10.29
N GLY A 549 6.30 12.35 10.54
CA GLY A 549 6.56 10.98 10.94
C GLY A 549 7.26 10.18 9.87
N ASN A 550 6.87 10.35 8.61
CA ASN A 550 7.53 9.66 7.52
C ASN A 550 8.96 10.14 7.35
N ILE A 551 9.19 11.45 7.46
CA ILE A 551 10.55 11.97 7.33
C ILE A 551 11.43 11.44 8.45
N VAL A 552 10.92 11.47 9.69
CA VAL A 552 11.72 10.99 10.82
C VAL A 552 12.01 9.51 10.68
N SER A 553 11.00 8.72 10.30
CA SER A 553 11.23 7.29 10.12
C SER A 553 12.25 7.03 9.02
N ALA A 554 12.10 7.70 7.89
CA ALA A 554 13.00 7.45 6.77
C ALA A 554 14.43 7.82 7.14
N LEU A 555 14.62 8.94 7.82
CA LEU A 555 15.97 9.38 8.13
C LEU A 555 16.59 8.56 9.27
N LEU A 556 15.78 8.04 10.18
CA LEU A 556 16.30 7.38 11.36
C LEU A 556 16.42 5.87 11.24
N MET A 557 15.56 5.22 10.45
CA MET A 557 15.47 3.77 10.49
C MET A 557 16.82 3.11 10.25
N ASP A 558 17.70 3.75 9.49
CA ASP A 558 19.00 3.16 9.22
C ASP A 558 19.87 3.04 10.46
N LYS A 559 19.53 3.74 11.53
CA LYS A 559 20.32 3.73 12.76
C LYS A 559 19.52 3.31 13.98
N ILE A 560 18.26 3.72 14.07
CA ILE A 560 17.39 3.28 15.15
C ILE A 560 17.13 1.79 15.04
N GLY A 561 17.13 1.25 13.82
CA GLY A 561 16.86 -0.15 13.61
C GLY A 561 15.47 -0.39 13.08
N ARG A 562 15.32 -1.36 12.18
CA ARG A 562 14.00 -1.65 11.62
C ARG A 562 13.13 -2.36 12.64
N LEU A 563 13.69 -3.35 13.34
CA LEU A 563 12.93 -4.05 14.35
C LEU A 563 12.54 -3.11 15.49
N ARG A 564 13.49 -2.30 15.96
CA ARG A 564 13.21 -1.38 17.05
C ARG A 564 12.23 -0.30 16.62
N MET A 565 12.41 0.25 15.42
CA MET A 565 11.48 1.26 14.94
C MET A 565 10.07 0.68 14.82
N LEU A 566 9.93 -0.50 14.25
CA LEU A 566 8.62 -1.13 14.16
C LEU A 566 8.01 -1.32 15.54
N ALA A 567 8.78 -1.89 16.47
CA ALA A 567 8.23 -2.17 17.80
C ALA A 567 7.78 -0.89 18.49
N GLY A 568 8.69 0.09 18.58
CA GLY A 568 8.37 1.31 19.29
C GLY A 568 7.22 2.06 18.65
N SER A 569 7.23 2.16 17.31
CA SER A 569 6.18 2.90 16.64
C SER A 569 4.85 2.19 16.73
N SER A 570 4.84 0.86 16.75
CA SER A 570 3.59 0.13 16.96
C SER A 570 3.05 0.36 18.36
N VAL A 571 3.92 0.40 19.36
CA VAL A 571 3.48 0.73 20.73
C VAL A 571 2.89 2.13 20.76
N MET A 572 3.57 3.09 20.13
CA MET A 572 3.07 4.45 20.12
C MET A 572 1.75 4.57 19.37
N SER A 573 1.60 3.84 18.27
CA SER A 573 0.33 3.85 17.55
C SER A 573 -0.78 3.25 18.39
N CYS A 574 -0.48 2.18 19.12
CA CYS A 574 -1.48 1.61 20.02
C CYS A 574 -1.95 2.64 21.04
N VAL A 575 -0.99 3.31 21.68
CA VAL A 575 -1.36 4.25 22.74
C VAL A 575 -2.11 5.45 22.17
N SER A 576 -1.71 5.93 20.99
CA SER A 576 -2.42 7.05 20.37
C SER A 576 -3.82 6.66 19.92
N CYS A 577 -4.02 5.41 19.48
CA CYS A 577 -5.37 4.96 19.18
C CYS A 577 -6.20 4.88 20.46
N PHE A 578 -5.59 4.43 21.56
CA PHE A 578 -6.31 4.44 22.82
C PHE A 578 -6.74 5.86 23.19
N PHE A 579 -5.84 6.82 22.99
CA PHE A 579 -6.18 8.22 23.26
C PHE A 579 -7.26 8.75 22.33
N LEU A 580 -7.34 8.24 21.11
CA LEU A 580 -8.32 8.72 20.14
C LEU A 580 -9.72 8.87 20.73
N SER A 581 -10.05 8.13 21.79
CA SER A 581 -11.40 8.19 22.33
C SER A 581 -11.76 9.55 22.89
N PHE A 582 -10.79 10.23 23.51
CA PHE A 582 -11.05 11.47 24.23
C PHE A 582 -11.62 12.58 23.36
N GLY A 583 -11.40 12.53 22.05
CA GLY A 583 -11.75 13.67 21.21
C GLY A 583 -13.24 13.84 21.10
N ASN A 584 -13.88 14.25 22.19
CA ASN A 584 -15.33 14.35 22.24
C ASN A 584 -15.87 15.21 21.12
N SER A 585 -15.10 16.18 20.64
CA SER A 585 -15.55 17.14 19.64
C SER A 585 -14.81 16.90 18.33
N GLU A 586 -15.53 17.09 17.22
CA GLU A 586 -14.92 16.94 15.91
C GLU A 586 -13.64 17.75 15.79
N SER A 587 -13.69 19.02 16.22
CA SER A 587 -12.53 19.89 16.11
C SER A 587 -11.32 19.28 16.80
N ALA A 588 -11.55 18.46 17.83
CA ALA A 588 -10.46 17.79 18.51
C ALA A 588 -10.25 16.37 18.02
N MET A 589 -11.26 15.79 17.37
CA MET A 589 -11.14 14.41 16.90
C MET A 589 -10.26 14.35 15.66
N ILE A 590 -10.35 15.37 14.81
CA ILE A 590 -9.47 15.44 13.65
C ILE A 590 -8.02 15.37 14.10
N ALA A 591 -7.67 16.13 15.13
CA ALA A 591 -6.28 16.19 15.58
C ALA A 591 -5.82 14.88 16.18
N LEU A 592 -6.70 14.16 16.88
CA LEU A 592 -6.29 12.90 17.47
C LEU A 592 -6.07 11.82 16.41
N LEU A 593 -6.86 11.83 15.33
CA LEU A 593 -6.50 10.93 14.23
C LEU A 593 -5.30 11.41 13.44
N CYS A 594 -5.04 12.73 13.42
CA CYS A 594 -3.76 13.21 12.89
C CYS A 594 -2.60 12.61 13.67
N LEU A 595 -2.71 12.60 14.99
CA LEU A 595 -1.69 11.99 15.84
C LEU A 595 -1.56 10.51 15.54
N PHE A 596 -2.68 9.80 15.42
CA PHE A 596 -2.62 8.38 15.09
C PHE A 596 -1.86 8.15 13.80
N GLY A 597 -2.21 8.89 12.74
CA GLY A 597 -1.52 8.72 11.48
C GLY A 597 -0.04 9.06 11.56
N GLY A 598 0.27 10.17 12.22
CA GLY A 598 1.66 10.60 12.30
C GLY A 598 2.53 9.59 13.01
N VAL A 599 2.04 9.04 14.11
CA VAL A 599 2.87 8.12 14.87
C VAL A 599 2.81 6.70 14.31
N SER A 600 1.84 6.40 13.44
CA SER A 600 1.73 5.05 12.90
C SER A 600 2.41 4.89 11.55
N ILE A 601 2.64 5.99 10.82
CA ILE A 601 3.31 5.84 9.54
C ILE A 601 4.73 5.32 9.73
N ALA A 602 5.35 5.61 10.86
CA ALA A 602 6.67 5.05 11.12
C ALA A 602 6.64 3.54 11.26
N SER A 603 5.64 3.00 11.94
CA SER A 603 5.46 1.55 12.02
C SER A 603 5.19 0.95 10.66
N TRP A 604 4.38 1.61 9.83
CA TRP A 604 4.13 1.10 8.49
C TRP A 604 5.40 1.07 7.66
N ASN A 605 6.21 2.14 7.73
CA ASN A 605 7.48 2.17 7.02
C ASN A 605 8.41 1.04 7.48
N ALA A 606 8.51 0.86 8.80
CA ALA A 606 9.35 -0.21 9.33
C ALA A 606 8.84 -1.56 8.86
N LEU A 607 7.52 -1.75 8.85
CA LEU A 607 6.96 -3.03 8.41
C LEU A 607 7.29 -3.29 6.94
N ASP A 608 7.16 -2.27 6.09
CA ASP A 608 7.37 -2.46 4.66
C ASP A 608 8.84 -2.68 4.33
N VAL A 609 9.75 -2.09 5.11
CA VAL A 609 11.17 -2.36 4.88
C VAL A 609 11.55 -3.71 5.46
N LEU A 610 10.91 -4.11 6.56
CA LEU A 610 11.26 -5.36 7.20
C LEU A 610 10.76 -6.56 6.40
N THR A 611 9.60 -6.44 5.77
CA THR A 611 9.11 -7.56 4.97
C THR A 611 9.91 -7.77 3.70
N VAL A 612 10.78 -6.81 3.33
CA VAL A 612 11.71 -7.02 2.23
C VAL A 612 13.11 -7.35 2.72
N GLU A 613 13.47 -6.99 3.94
CA GLU A 613 14.76 -7.39 4.48
C GLU A 613 14.74 -8.86 4.89
N LEU A 614 13.59 -9.39 5.29
CA LEU A 614 13.50 -10.73 5.86
C LEU A 614 13.25 -11.82 4.83
N TYR A 615 13.09 -11.49 3.56
CA TYR A 615 12.84 -12.50 2.54
C TYR A 615 13.83 -12.37 1.39
N PRO A 616 14.15 -13.46 0.70
CA PRO A 616 15.05 -13.38 -0.44
C PRO A 616 14.31 -13.06 -1.73
N SER A 617 15.07 -12.54 -2.71
CA SER A 617 14.48 -12.25 -4.00
C SER A 617 13.84 -13.48 -4.63
N ASP A 618 14.32 -14.68 -4.27
CA ASP A 618 13.72 -15.90 -4.80
C ASP A 618 12.25 -16.00 -4.39
N LYS A 619 11.88 -15.39 -3.25
CA LYS A 619 10.51 -15.41 -2.78
C LYS A 619 10.05 -14.08 -2.21
N ARG A 620 10.79 -12.98 -2.43
CA ARG A 620 10.44 -11.72 -1.78
C ARG A 620 9.06 -11.26 -2.18
N THR A 621 8.75 -11.27 -3.48
CA THR A 621 7.49 -10.72 -3.93
C THR A 621 6.32 -11.61 -3.59
N THR A 622 6.50 -12.93 -3.60
CA THR A 622 5.44 -13.82 -3.16
C THR A 622 5.10 -13.59 -1.70
N ALA A 623 6.12 -13.50 -0.85
CA ALA A 623 5.88 -13.27 0.57
C ALA A 623 5.21 -11.93 0.80
N PHE A 624 5.73 -10.88 0.19
CA PHE A 624 5.13 -9.56 0.32
C PHE A 624 3.70 -9.56 -0.18
N GLY A 625 3.43 -10.23 -1.30
CA GLY A 625 2.08 -10.27 -1.85
C GLY A 625 1.11 -11.00 -0.95
N PHE A 626 1.53 -12.13 -0.40
CA PHE A 626 0.67 -12.85 0.53
C PHE A 626 0.36 -11.99 1.75
N LEU A 627 1.38 -11.34 2.31
CA LEU A 627 1.15 -10.52 3.49
C LEU A 627 0.28 -9.31 3.17
N ASN A 628 0.38 -8.79 1.95
CA ASN A 628 -0.50 -7.70 1.55
C ASN A 628 -1.92 -8.20 1.31
N ALA A 629 -2.08 -9.44 0.86
CA ALA A 629 -3.42 -10.02 0.77
C ALA A 629 -4.04 -10.15 2.14
N LEU A 630 -3.23 -10.56 3.12
CA LEU A 630 -3.70 -10.55 4.51
C LEU A 630 -4.07 -9.14 4.94
N CYS A 631 -3.29 -8.14 4.52
CA CYS A 631 -3.64 -6.76 4.84
C CYS A 631 -4.99 -6.36 4.25
N LYS A 632 -5.28 -6.78 3.02
CA LYS A 632 -6.58 -6.46 2.42
C LYS A 632 -7.72 -7.17 3.16
N LEU A 633 -7.50 -8.42 3.55
CA LEU A 633 -8.50 -9.13 4.35
C LEU A 633 -8.74 -8.43 5.68
N ALA A 634 -7.66 -7.98 6.32
CA ALA A 634 -7.80 -7.19 7.54
C ALA A 634 -8.57 -5.91 7.27
N ALA A 635 -8.33 -5.29 6.11
CA ALA A 635 -9.01 -4.05 5.80
C ALA A 635 -10.52 -4.26 5.70
N VAL A 636 -10.95 -5.38 5.10
CA VAL A 636 -12.41 -5.69 5.11
C VAL A 636 -12.76 -5.95 6.58
N LEU A 637 -12.16 -6.94 7.22
CA LEU A 637 -12.42 -7.27 8.66
C LEU A 637 -12.55 -5.99 9.48
N GLY A 638 -11.72 -4.98 9.25
CA GLY A 638 -11.71 -3.74 10.06
C GLY A 638 -12.72 -2.70 9.63
N ILE A 639 -12.98 -2.55 8.32
CA ILE A 639 -13.91 -1.50 7.78
C ILE A 639 -15.35 -1.94 8.01
N SER A 640 -15.68 -3.21 7.84
CA SER A 640 -17.01 -3.76 8.08
C SER A 640 -17.39 -3.62 9.56
N ILE A 641 -16.55 -4.12 10.45
CA ILE A 641 -16.90 -4.11 11.88
C ILE A 641 -17.06 -2.69 12.38
N PHE A 642 -16.05 -1.85 12.14
CA PHE A 642 -16.06 -0.51 12.70
C PHE A 642 -17.23 0.30 12.15
N THR A 643 -17.51 0.19 10.85
CA THR A 643 -18.69 0.83 10.30
C THR A 643 -19.96 0.30 10.93
N SER A 644 -20.01 -0.99 11.27
CA SER A 644 -21.17 -1.51 11.99
C SER A 644 -21.31 -0.84 13.35
N PHE A 645 -20.20 -0.42 13.96
CA PHE A 645 -20.23 0.12 15.31
C PHE A 645 -20.43 1.62 15.39
N VAL A 646 -20.67 2.31 14.28
CA VAL A 646 -20.52 3.76 14.24
C VAL A 646 -21.36 4.44 15.32
N GLY A 647 -22.67 4.27 15.27
CA GLY A 647 -23.53 4.97 16.21
C GLY A 647 -23.83 4.17 17.46
N ILE A 648 -24.02 2.85 17.30
CA ILE A 648 -24.52 2.04 18.40
C ILE A 648 -23.56 2.04 19.59
N THR A 649 -22.27 2.24 19.33
CA THR A 649 -21.28 2.26 20.41
C THR A 649 -20.24 3.32 20.14
N LYS A 650 -19.87 4.04 21.19
CA LYS A 650 -19.10 5.27 21.07
C LYS A 650 -17.60 5.00 20.97
N ALA A 651 -17.04 4.31 21.96
CA ALA A 651 -15.63 3.97 21.98
C ALA A 651 -15.42 2.47 21.82
N ALA A 652 -16.27 1.82 21.06
CA ALA A 652 -16.04 0.41 20.78
C ALA A 652 -14.87 0.29 19.81
N PRO A 653 -14.98 0.78 18.58
CA PRO A 653 -13.88 0.58 17.63
C PRO A 653 -12.56 1.16 18.10
N ILE A 654 -12.55 2.25 18.85
CA ILE A 654 -11.30 2.74 19.42
C ILE A 654 -10.64 1.63 20.24
N LEU A 655 -11.40 0.96 21.08
CA LEU A 655 -10.84 -0.09 21.93
C LEU A 655 -10.50 -1.34 21.13
N PHE A 656 -11.30 -1.66 20.11
CA PHE A 656 -10.96 -2.78 19.24
C PHE A 656 -9.61 -2.55 18.58
N ALA A 657 -9.40 -1.35 18.03
CA ALA A 657 -8.15 -1.04 17.35
C ALA A 657 -6.99 -0.93 18.32
N SER A 658 -7.25 -0.45 19.54
CA SER A 658 -6.18 -0.41 20.53
C SER A 658 -5.72 -1.81 20.90
N ALA A 659 -6.66 -2.74 21.12
CA ALA A 659 -6.28 -4.12 21.41
C ALA A 659 -5.61 -4.77 20.20
N ALA A 660 -6.12 -4.51 19.00
CA ALA A 660 -5.52 -5.08 17.81
C ALA A 660 -4.09 -4.62 17.64
N LEU A 661 -3.84 -3.32 17.83
CA LEU A 661 -2.49 -2.81 17.72
C LEU A 661 -1.60 -3.28 18.86
N ALA A 662 -2.17 -3.54 20.04
CA ALA A 662 -1.38 -4.13 21.11
C ALA A 662 -0.93 -5.54 20.75
N LEU A 663 -1.83 -6.34 20.18
CA LEU A 663 -1.43 -7.67 19.71
C LEU A 663 -0.40 -7.57 18.59
N GLY A 664 -0.62 -6.64 17.66
CA GLY A 664 0.34 -6.44 16.58
C GLY A 664 1.70 -6.03 17.08
N SER A 665 1.75 -5.15 18.08
CA SER A 665 3.02 -4.73 18.63
C SER A 665 3.67 -5.84 19.43
N SER A 666 2.87 -6.67 20.11
CA SER A 666 3.44 -7.82 20.80
C SER A 666 4.12 -8.76 19.82
N LEU A 667 3.49 -9.01 18.68
CA LEU A 667 4.14 -9.83 17.67
C LEU A 667 5.35 -9.14 17.08
N ALA A 668 5.25 -7.83 16.83
CA ALA A 668 6.34 -7.09 16.18
C ALA A 668 7.58 -7.08 17.05
N LEU A 669 7.41 -6.96 18.36
CA LEU A 669 8.55 -6.96 19.27
C LEU A 669 9.28 -8.30 19.28
N LYS A 670 8.69 -9.36 18.74
CA LYS A 670 9.31 -10.68 18.73
C LYS A 670 10.05 -11.00 17.45
N LEU A 671 9.89 -10.20 16.39
CA LEU A 671 10.49 -10.52 15.12
C LEU A 671 12.01 -10.42 15.20
N PRO A 672 12.73 -11.15 14.34
CA PRO A 672 14.21 -11.14 14.36
C PRO A 672 14.79 -9.80 13.93
#